data_5V7A
#
_entry.id   5V7A
#
_cell.length_a   95.270
_cell.length_b   84.830
_cell.length_c   83.780
_cell.angle_alpha   90.00
_cell.angle_beta   109.23
_cell.angle_gamma   90.00
#
_symmetry.space_group_name_H-M   'C 1 2 1'
#
loop_
_entity.id
_entity.type
_entity.pdbx_description
1 polymer 'Dihydropteroate synthase'
2 non-polymer '[(2-amino-9-methyl-6-oxo-6,9-dihydro-1H-purin-8-yl)sulfanyl]acetic acid'
3 non-polymer 'CHLORIDE ION'
4 water water
#
_entity_poly.entity_id   1
_entity_poly.type   'polypeptide(L)'
_entity_poly.pdbx_seq_one_letter_code
;GSMKLFAQGTSLDLSHPHVMGILNVTPDSFSDGGTHNSLIDAVKHANLMINAGATIIDVGGESTRPGAAEVSVEEELQRV
IPVVEAIAQRFEVWISVDTSKPEVIRESAKVGAHIINDIRSLSEPGALEAAAETGLPVCLMHMQGNPKTMQEAPKYDDVF
AEVNRYFIEQIARCEQAGIAKEKLLLDPGFGFGKNLSHNYSLLARLAEFHHFNLPLLVGMSRKSMIGQLLNVGPSERLSG
SLACAVIAAMQGAHIIRVHDVKETVEAMRVVEATLSAKENKRYE
;
_entity_poly.pdbx_strand_id   A,B
#
# COMPACT_ATOMS: atom_id res chain seq x y z
N MET A 3 -2.84 19.32 -14.27
CA MET A 3 -4.21 18.73 -14.47
C MET A 3 -5.19 19.10 -13.34
N LYS A 4 -6.31 19.75 -13.73
CA LYS A 4 -7.31 20.23 -12.78
C LYS A 4 -8.74 19.89 -13.21
N LEU A 5 -9.69 20.14 -12.32
CA LEU A 5 -11.12 20.02 -12.63
C LEU A 5 -11.82 21.24 -12.08
N PHE A 6 -12.88 21.65 -12.78
CA PHE A 6 -13.64 22.89 -12.53
C PHE A 6 -15.12 22.59 -12.37
N ALA A 7 -15.70 23.03 -11.25
CA ALA A 7 -17.10 22.80 -10.97
C ALA A 7 -17.59 23.76 -9.93
N GLN A 8 -18.82 24.24 -10.09
CA GLN A 8 -19.43 25.13 -9.10
C GLN A 8 -18.55 26.35 -8.71
N GLY A 9 -17.77 26.84 -9.68
CA GLY A 9 -16.88 27.97 -9.48
C GLY A 9 -15.64 27.76 -8.60
N THR A 10 -15.21 26.52 -8.39
CA THR A 10 -13.97 26.25 -7.66
C THR A 10 -13.19 25.21 -8.47
N SER A 11 -11.98 24.88 -8.02
CA SER A 11 -11.14 23.92 -8.72
C SER A 11 -10.62 22.82 -7.79
N LEU A 12 -10.30 21.68 -8.40
CA LEU A 12 -9.67 20.56 -7.73
C LEU A 12 -8.34 20.30 -8.46
N ASP A 13 -7.25 20.26 -7.69
CA ASP A 13 -5.91 20.22 -8.22
C ASP A 13 -5.41 18.77 -8.14
N LEU A 14 -5.29 18.13 -9.29
CA LEU A 14 -4.96 16.71 -9.36
C LEU A 14 -3.48 16.46 -9.61
N SER A 15 -2.64 17.36 -9.12
CA SER A 15 -1.18 17.19 -9.16
C SER A 15 -0.72 16.20 -8.12
N HIS A 16 -1.59 15.92 -7.14
CA HIS A 16 -1.37 14.89 -6.13
C HIS A 16 -2.66 14.07 -5.92
N PRO A 17 -2.56 12.87 -5.34
CA PRO A 17 -3.77 12.08 -5.06
C PRO A 17 -4.76 12.74 -4.09
N HIS A 18 -6.04 12.56 -4.35
CA HIS A 18 -7.08 13.02 -3.45
C HIS A 18 -7.79 11.83 -2.87
N VAL A 19 -8.23 11.95 -1.62
CA VAL A 19 -9.03 10.93 -0.99
C VAL A 19 -10.52 11.31 -1.06
N MET A 20 -11.35 10.41 -1.61
CA MET A 20 -12.81 10.53 -1.69
C MET A 20 -13.45 9.68 -0.57
N GLY A 21 -14.13 10.33 0.38
CA GLY A 21 -14.80 9.64 1.47
C GLY A 21 -16.21 9.18 1.11
N ILE A 22 -16.51 7.90 1.33
CA ILE A 22 -17.80 7.30 1.00
C ILE A 22 -18.85 7.70 2.02
N LEU A 23 -19.97 8.24 1.56
CA LEU A 23 -21.09 8.61 2.44
C LEU A 23 -22.36 7.90 1.98
N ASN A 24 -22.62 6.78 2.61
CA ASN A 24 -23.74 5.94 2.24
C ASN A 24 -24.99 6.34 2.97
N VAL A 25 -26.05 6.60 2.23
CA VAL A 25 -27.28 7.01 2.87
C VAL A 25 -28.40 6.05 2.48
N THR A 26 -28.36 4.88 3.10
CA THR A 26 -29.31 3.77 2.88
C THR A 26 -29.46 2.90 4.13
N ASN A 37 -31.80 11.36 13.41
CA ASN A 37 -32.08 11.75 12.03
C ASN A 37 -30.99 11.26 11.02
N SER A 38 -31.46 10.80 9.86
CA SER A 38 -30.57 10.45 8.74
C SER A 38 -29.70 11.62 8.34
N LEU A 39 -30.29 12.82 8.29
CA LEU A 39 -29.57 14.02 7.86
C LEU A 39 -28.49 14.47 8.85
N ILE A 40 -28.77 14.37 10.16
CA ILE A 40 -27.80 14.78 11.19
C ILE A 40 -26.57 13.84 11.20
N ASP A 41 -26.81 12.52 11.20
CA ASP A 41 -25.70 11.52 11.14
C ASP A 41 -24.77 11.72 9.93
N ALA A 42 -25.36 11.92 8.75
CA ALA A 42 -24.61 12.09 7.51
C ALA A 42 -23.68 13.31 7.54
N VAL A 43 -24.20 14.45 7.98
CA VAL A 43 -23.39 15.68 8.10
C VAL A 43 -22.20 15.45 9.05
N LYS A 44 -22.47 14.84 10.19
CA LYS A 44 -21.40 14.49 11.15
C LYS A 44 -20.34 13.63 10.47
N HIS A 45 -20.78 12.57 9.80
CA HIS A 45 -19.89 11.66 9.12
C HIS A 45 -19.08 12.40 8.03
N ALA A 46 -19.73 13.28 7.27
CA ALA A 46 -19.00 14.13 6.31
C ALA A 46 -17.99 15.08 6.97
N ASN A 47 -18.31 15.54 8.18
CA ASN A 47 -17.41 16.41 8.94
C ASN A 47 -16.16 15.66 9.37
N LEU A 48 -16.38 14.51 10.01
CA LEU A 48 -15.31 13.62 10.45
C LEU A 48 -14.36 13.27 9.29
N MET A 49 -14.91 13.02 8.11
CA MET A 49 -14.09 12.67 6.95
C MET A 49 -13.31 13.86 6.41
N ILE A 50 -13.89 15.05 6.47
CA ILE A 50 -13.17 16.27 6.01
C ILE A 50 -12.01 16.54 6.91
N ASN A 51 -12.23 16.45 8.22
CA ASN A 51 -11.13 16.63 9.19
C ASN A 51 -10.01 15.63 8.97
N ALA A 52 -10.38 14.38 8.65
CA ALA A 52 -9.43 13.29 8.38
C ALA A 52 -8.64 13.45 7.07
N GLY A 53 -8.99 14.44 6.25
CA GLY A 53 -8.25 14.76 5.04
C GLY A 53 -9.00 14.56 3.73
N ALA A 54 -10.24 14.04 3.80
CA ALA A 54 -11.00 13.81 2.56
C ALA A 54 -11.27 15.13 1.89
N THR A 55 -10.98 15.22 0.60
CA THR A 55 -11.25 16.41 -0.19
C THR A 55 -12.44 16.27 -1.17
N ILE A 56 -13.00 15.06 -1.26
CA ILE A 56 -14.29 14.85 -1.92
C ILE A 56 -15.13 13.96 -1.02
N ILE A 57 -16.43 14.27 -0.91
CA ILE A 57 -17.40 13.43 -0.19
C ILE A 57 -18.38 12.86 -1.23
N ASP A 58 -18.47 11.53 -1.27
CA ASP A 58 -19.27 10.81 -2.25
C ASP A 58 -20.61 10.35 -1.66
N VAL A 59 -21.70 11.01 -2.05
CA VAL A 59 -23.04 10.77 -1.49
C VAL A 59 -23.76 9.76 -2.36
N GLY A 60 -24.29 8.71 -1.76
CA GLY A 60 -24.85 7.59 -2.53
C GLY A 60 -26.07 7.04 -1.86
N GLY A 61 -27.21 7.18 -2.52
CA GLY A 61 -28.50 6.79 -1.96
C GLY A 61 -29.21 5.62 -2.62
N GLU A 62 -28.45 4.88 -3.42
CA GLU A 62 -28.91 3.64 -4.00
C GLU A 62 -27.84 2.53 -3.91
N SER A 63 -28.12 1.46 -3.16
CA SER A 63 -27.27 0.28 -3.11
C SER A 63 -26.86 -0.19 -4.52
N THR A 64 -25.55 -0.43 -4.67
CA THR A 64 -24.95 -0.92 -5.89
C THR A 64 -24.47 -2.38 -5.75
N ARG A 65 -24.87 -3.05 -4.66
CA ARG A 65 -24.59 -4.47 -4.40
C ARG A 65 -25.21 -5.40 -5.46
N PRO A 66 -24.54 -6.55 -5.77
CA PRO A 66 -25.12 -7.60 -6.64
C PRO A 66 -26.59 -8.00 -6.39
N GLY A 67 -27.09 -7.84 -5.16
CA GLY A 67 -28.51 -8.06 -4.87
C GLY A 67 -29.39 -7.14 -5.71
N ALA A 68 -29.25 -5.83 -5.46
CA ALA A 68 -29.79 -4.75 -6.30
C ALA A 68 -31.32 -4.67 -6.42
N ALA A 69 -32.00 -4.47 -5.29
CA ALA A 69 -33.40 -4.02 -5.31
C ALA A 69 -33.36 -2.50 -5.56
N GLU A 70 -33.58 -2.10 -6.81
CA GLU A 70 -33.53 -0.69 -7.26
C GLU A 70 -34.45 0.25 -6.46
N VAL A 71 -34.08 1.53 -6.36
CA VAL A 71 -34.90 2.53 -5.64
C VAL A 71 -35.58 3.55 -6.59
N SER A 72 -36.71 4.08 -6.15
CA SER A 72 -37.47 5.05 -6.90
C SER A 72 -36.74 6.40 -6.95
N VAL A 73 -37.13 7.22 -7.93
CA VAL A 73 -36.60 8.58 -8.07
C VAL A 73 -36.92 9.44 -6.83
N GLU A 74 -38.18 9.42 -6.39
CA GLU A 74 -38.58 10.21 -5.21
C GLU A 74 -37.80 9.84 -3.93
N GLU A 75 -37.54 8.56 -3.70
CA GLU A 75 -36.78 8.15 -2.52
C GLU A 75 -35.28 8.46 -2.66
N GLU A 76 -34.70 8.26 -3.84
CA GLU A 76 -33.32 8.67 -4.07
C GLU A 76 -33.14 10.18 -3.86
N LEU A 77 -34.09 10.99 -4.34
CA LEU A 77 -34.04 12.44 -4.14
C LEU A 77 -34.12 12.80 -2.63
N GLN A 78 -34.97 12.08 -1.90
CA GLN A 78 -35.22 12.33 -0.47
C GLN A 78 -33.95 12.07 0.33
N ARG A 79 -33.31 10.96 0.01
CA ARG A 79 -32.06 10.56 0.67
C ARG A 79 -30.86 11.47 0.34
N VAL A 80 -30.66 11.76 -0.94
CA VAL A 80 -29.45 12.41 -1.45
C VAL A 80 -29.46 13.95 -1.39
N ILE A 81 -30.57 14.57 -1.78
CA ILE A 81 -30.56 16.03 -2.05
C ILE A 81 -30.40 16.89 -0.78
N PRO A 82 -31.11 16.56 0.31
CA PRO A 82 -30.84 17.28 1.56
C PRO A 82 -29.37 17.14 2.03
N VAL A 83 -28.80 15.93 1.90
CA VAL A 83 -27.42 15.68 2.30
C VAL A 83 -26.46 16.52 1.47
N VAL A 84 -26.51 16.44 0.14
CA VAL A 84 -25.64 17.28 -0.71
C VAL A 84 -25.77 18.76 -0.34
N GLU A 85 -27.02 19.20 -0.12
CA GLU A 85 -27.34 20.60 0.17
C GLU A 85 -26.63 21.02 1.45
N ALA A 86 -26.90 20.30 2.54
CA ALA A 86 -26.30 20.52 3.87
C ALA A 86 -24.80 20.73 3.79
N ILE A 87 -24.13 19.80 3.10
CA ILE A 87 -22.68 19.77 2.95
C ILE A 87 -22.18 20.98 2.19
N ALA A 88 -22.85 21.37 1.11
CA ALA A 88 -22.38 22.48 0.27
C ALA A 88 -22.53 23.86 0.95
N GLN A 89 -23.46 23.95 1.89
CA GLN A 89 -23.70 25.20 2.64
C GLN A 89 -23.10 25.21 4.04
N ARG A 90 -22.25 24.24 4.38
CA ARG A 90 -21.34 24.34 5.51
C ARG A 90 -19.91 24.43 5.00
N PHE A 91 -19.49 23.36 4.35
CA PHE A 91 -18.09 23.08 4.07
C PHE A 91 -17.73 23.48 2.64
N GLU A 92 -16.43 23.59 2.40
CA GLU A 92 -15.90 23.93 1.07
C GLU A 92 -15.54 22.69 0.26
N VAL A 93 -15.59 21.52 0.91
CA VAL A 93 -15.25 20.24 0.28
C VAL A 93 -16.05 19.95 -1.00
N TRP A 94 -15.39 19.35 -1.99
CA TRP A 94 -16.08 18.92 -3.20
C TRP A 94 -17.01 17.74 -2.90
N ILE A 95 -18.09 17.64 -3.68
CA ILE A 95 -19.18 16.69 -3.47
C ILE A 95 -19.43 15.92 -4.75
N SER A 96 -19.49 14.60 -4.65
CA SER A 96 -19.83 13.76 -5.77
C SER A 96 -21.10 12.97 -5.39
N VAL A 97 -21.90 12.65 -6.40
CA VAL A 97 -23.17 11.94 -6.20
C VAL A 97 -23.22 10.66 -7.02
N ASP A 98 -23.60 9.54 -6.37
CA ASP A 98 -23.75 8.21 -6.99
C ASP A 98 -25.17 8.08 -7.45
N THR A 99 -25.40 8.40 -8.70
CA THR A 99 -26.73 8.34 -9.24
C THR A 99 -26.69 7.98 -10.68
N SER A 100 -27.75 7.36 -11.14
CA SER A 100 -27.96 7.07 -12.55
C SER A 100 -29.10 7.86 -13.14
N LYS A 101 -29.79 8.64 -12.31
CA LYS A 101 -31.10 9.19 -12.64
C LYS A 101 -30.96 10.66 -13.02
N PRO A 102 -31.49 11.05 -14.19
CA PRO A 102 -31.34 12.42 -14.64
C PRO A 102 -31.90 13.46 -13.68
N GLU A 103 -32.97 13.15 -12.97
CA GLU A 103 -33.55 14.13 -12.06
C GLU A 103 -32.68 14.34 -10.83
N VAL A 104 -32.03 13.27 -10.36
CA VAL A 104 -31.07 13.38 -9.25
C VAL A 104 -29.82 14.16 -9.70
N ILE A 105 -29.39 13.94 -10.94
CA ILE A 105 -28.26 14.67 -11.51
C ILE A 105 -28.55 16.17 -11.55
N ARG A 106 -29.66 16.52 -12.20
CA ARG A 106 -30.16 17.90 -12.25
C ARG A 106 -30.25 18.52 -10.87
N GLU A 107 -30.91 17.83 -9.94
CA GLU A 107 -31.24 18.42 -8.65
C GLU A 107 -30.05 18.57 -7.73
N SER A 108 -29.21 17.55 -7.64
CA SER A 108 -27.99 17.65 -6.84
C SER A 108 -27.02 18.74 -7.39
N ALA A 109 -26.99 18.95 -8.71
CA ALA A 109 -26.16 20.00 -9.31
C ALA A 109 -26.62 21.41 -8.94
N LYS A 110 -27.94 21.59 -8.82
CA LYS A 110 -28.56 22.83 -8.41
C LYS A 110 -28.20 23.19 -6.97
N VAL A 111 -28.21 22.19 -6.10
CA VAL A 111 -27.89 22.39 -4.68
C VAL A 111 -26.38 22.28 -4.34
N GLY A 112 -25.53 22.15 -5.37
CA GLY A 112 -24.08 22.36 -5.21
C GLY A 112 -23.12 21.19 -5.41
N ALA A 113 -23.59 20.09 -5.98
CA ALA A 113 -22.72 18.94 -6.27
C ALA A 113 -21.65 19.32 -7.30
N HIS A 114 -20.48 18.68 -7.19
CA HIS A 114 -19.35 18.95 -8.09
C HIS A 114 -19.11 17.87 -9.12
N ILE A 115 -19.46 16.60 -8.82
CA ILE A 115 -19.06 15.48 -9.69
C ILE A 115 -20.18 14.47 -9.81
N ILE A 116 -20.48 14.09 -11.06
CA ILE A 116 -21.48 13.07 -11.34
C ILE A 116 -20.74 11.76 -11.47
N ASN A 117 -21.02 10.86 -10.54
CA ASN A 117 -20.37 9.61 -10.47
C ASN A 117 -21.43 8.58 -10.67
N ASP A 118 -21.51 8.05 -11.87
CA ASP A 118 -22.51 7.07 -12.22
C ASP A 118 -21.83 5.77 -12.62
N ILE A 119 -22.12 4.71 -11.84
CA ILE A 119 -21.67 3.34 -12.15
C ILE A 119 -22.17 2.81 -13.51
N ARG A 120 -23.28 3.36 -13.99
CA ARG A 120 -23.83 3.07 -15.32
C ARG A 120 -23.36 4.00 -16.45
N SER A 121 -22.37 4.86 -16.22
CA SER A 121 -21.84 5.75 -17.28
C SER A 121 -22.95 6.46 -18.10
N LEU A 122 -23.97 6.95 -17.40
CA LEU A 122 -25.03 7.77 -17.98
C LEU A 122 -25.82 7.03 -19.07
N SER A 123 -26.00 5.73 -18.88
CA SER A 123 -26.67 4.89 -19.87
C SER A 123 -28.19 4.97 -19.76
N GLU A 124 -28.72 5.48 -18.64
CA GLU A 124 -30.18 5.57 -18.45
C GLU A 124 -30.78 6.61 -19.42
N PRO A 125 -32.08 6.43 -19.76
CA PRO A 125 -32.76 7.44 -20.57
C PRO A 125 -32.67 8.86 -19.95
N GLY A 126 -32.11 9.80 -20.73
CA GLY A 126 -32.00 11.20 -20.31
C GLY A 126 -30.82 11.57 -19.42
N ALA A 127 -30.06 10.56 -18.99
CA ALA A 127 -28.98 10.76 -18.05
C ALA A 127 -27.81 11.49 -18.74
N LEU A 128 -27.45 11.03 -19.93
CA LEU A 128 -26.37 11.69 -20.69
C LEU A 128 -26.62 13.17 -20.91
N GLU A 129 -27.85 13.51 -21.31
CA GLU A 129 -28.24 14.88 -21.65
C GLU A 129 -28.33 15.73 -20.39
N ALA A 130 -28.87 15.16 -19.31
CA ALA A 130 -28.93 15.84 -18.01
C ALA A 130 -27.55 16.18 -17.47
N ALA A 131 -26.62 15.24 -17.57
CA ALA A 131 -25.22 15.49 -17.23
C ALA A 131 -24.58 16.59 -18.09
N ALA A 132 -24.78 16.50 -19.40
CA ALA A 132 -24.29 17.51 -20.35
C ALA A 132 -24.73 18.90 -19.89
N GLU A 133 -26.03 19.04 -19.63
CA GLU A 133 -26.62 20.32 -19.28
C GLU A 133 -26.14 20.89 -17.96
N THR A 134 -25.73 20.05 -17.00
CA THR A 134 -25.16 20.57 -15.73
C THR A 134 -23.75 21.20 -15.89
N GLY A 135 -23.01 20.80 -16.92
CA GLY A 135 -21.62 21.23 -17.13
C GLY A 135 -20.59 20.70 -16.14
N LEU A 136 -21.03 19.80 -15.24
CA LEU A 136 -20.21 19.22 -14.20
C LEU A 136 -19.33 18.08 -14.73
N PRO A 137 -18.16 17.85 -14.08
CA PRO A 137 -17.33 16.68 -14.35
C PRO A 137 -18.06 15.35 -14.15
N VAL A 138 -17.81 14.42 -15.05
CA VAL A 138 -18.50 13.16 -15.10
C VAL A 138 -17.49 12.03 -15.01
N CYS A 139 -17.78 11.03 -14.20
CA CYS A 139 -16.91 9.87 -14.07
C CYS A 139 -17.49 8.74 -14.91
N LEU A 140 -16.67 8.18 -15.80
CA LEU A 140 -17.04 7.05 -16.63
C LEU A 140 -16.44 5.79 -16.04
N MET A 141 -17.31 4.95 -15.44
CA MET A 141 -16.89 3.76 -14.74
C MET A 141 -17.29 2.55 -15.57
N HIS A 142 -16.36 1.62 -15.74
CA HIS A 142 -16.67 0.35 -16.41
C HIS A 142 -17.40 -0.68 -15.50
N MET A 143 -18.48 -1.23 -16.05
CA MET A 143 -19.22 -2.37 -15.49
C MET A 143 -19.61 -3.27 -16.67
N GLN A 144 -19.31 -4.57 -16.60
CA GLN A 144 -19.87 -5.54 -17.56
C GLN A 144 -21.27 -5.94 -17.07
N GLY A 145 -22.27 -5.65 -17.88
CA GLY A 145 -23.67 -5.95 -17.55
C GLY A 145 -24.33 -4.89 -16.70
N ASN A 146 -25.12 -5.33 -15.72
CA ASN A 146 -25.73 -4.43 -14.73
C ASN A 146 -25.61 -5.06 -13.32
N PRO A 147 -25.85 -4.27 -12.26
CA PRO A 147 -25.60 -4.73 -10.90
C PRO A 147 -26.35 -5.99 -10.51
N LYS A 148 -27.59 -6.12 -10.95
CA LYS A 148 -28.42 -7.31 -10.66
C LYS A 148 -27.71 -8.63 -10.94
N THR A 149 -26.96 -8.67 -12.05
CA THR A 149 -26.47 -9.88 -12.68
C THR A 149 -24.96 -9.91 -13.01
N MET A 150 -24.25 -8.78 -12.88
CA MET A 150 -22.84 -8.69 -13.34
C MET A 150 -21.87 -9.70 -12.72
N GLN A 151 -22.12 -10.09 -11.47
CA GLN A 151 -21.22 -11.01 -10.79
C GLN A 151 -21.43 -12.50 -10.97
N GLU A 152 -22.52 -12.93 -11.61
CA GLU A 152 -22.75 -14.36 -11.78
C GLU A 152 -21.71 -15.08 -12.64
N ALA A 153 -21.32 -14.50 -13.75
CA ALA A 153 -20.31 -15.11 -14.59
C ALA A 153 -19.51 -14.06 -15.36
N PRO A 154 -18.65 -13.29 -14.69
CA PRO A 154 -17.88 -12.28 -15.40
C PRO A 154 -16.94 -12.96 -16.36
N LYS A 155 -16.86 -12.47 -17.58
CA LYS A 155 -16.04 -13.08 -18.60
C LYS A 155 -15.46 -12.03 -19.57
N TYR A 156 -14.15 -12.14 -19.82
CA TYR A 156 -13.44 -11.35 -20.81
C TYR A 156 -12.45 -12.26 -21.51
N ASP A 157 -12.25 -12.08 -22.81
CA ASP A 157 -11.06 -12.66 -23.48
C ASP A 157 -9.80 -11.89 -23.05
N ASP A 158 -9.94 -10.58 -22.88
CA ASP A 158 -8.86 -9.72 -22.45
C ASP A 158 -9.45 -8.54 -21.69
N VAL A 159 -9.39 -8.60 -20.36
CA VAL A 159 -10.12 -7.66 -19.53
C VAL A 159 -9.59 -6.24 -19.68
N PHE A 160 -8.27 -6.09 -19.67
CA PHE A 160 -7.68 -4.76 -19.88
C PHE A 160 -8.11 -4.13 -21.20
N ALA A 161 -8.06 -4.92 -22.28
CA ALA A 161 -8.37 -4.42 -23.60
C ALA A 161 -9.83 -4.01 -23.69
N GLU A 162 -10.72 -4.84 -23.14
CA GLU A 162 -12.15 -4.57 -23.22
C GLU A 162 -12.52 -3.33 -22.40
N VAL A 163 -11.88 -3.15 -21.26
CA VAL A 163 -12.09 -1.93 -20.45
C VAL A 163 -11.51 -0.70 -21.16
N ASN A 164 -10.36 -0.87 -21.79
CA ASN A 164 -9.76 0.17 -22.63
C ASN A 164 -10.70 0.62 -23.76
N ARG A 165 -11.24 -0.36 -24.45
CA ARG A 165 -12.14 -0.13 -25.53
C ARG A 165 -13.35 0.58 -25.02
N TYR A 166 -13.88 0.17 -23.88
CA TYR A 166 -15.04 0.81 -23.29
C TYR A 166 -14.86 2.32 -23.04
N PHE A 167 -13.70 2.71 -22.50
CA PHE A 167 -13.38 4.14 -22.31
C PHE A 167 -13.29 4.92 -23.64
N ILE A 168 -12.69 4.34 -24.68
CA ILE A 168 -12.64 4.96 -26.01
C ILE A 168 -14.06 5.29 -26.47
N GLU A 169 -14.94 4.29 -26.40
CA GLU A 169 -16.33 4.42 -26.86
C GLU A 169 -17.12 5.45 -26.06
N GLN A 170 -17.06 5.36 -24.74
CA GLN A 170 -17.75 6.32 -23.85
C GLN A 170 -17.23 7.75 -23.88
N ILE A 171 -15.92 7.92 -24.01
CA ILE A 171 -15.35 9.26 -24.21
C ILE A 171 -15.94 9.90 -25.46
N ALA A 172 -15.94 9.17 -26.58
CA ALA A 172 -16.59 9.65 -27.83
C ALA A 172 -18.06 9.97 -27.52
N ARG A 173 -18.79 9.00 -26.97
CA ARG A 173 -20.22 9.16 -26.66
C ARG A 173 -20.50 10.45 -25.88
N CYS A 174 -19.67 10.74 -24.89
CA CYS A 174 -19.82 11.97 -24.10
C CYS A 174 -19.46 13.24 -24.89
N GLU A 175 -18.37 13.19 -25.67
CA GLU A 175 -18.00 14.30 -26.58
C GLU A 175 -19.18 14.68 -27.49
N GLN A 176 -19.83 13.68 -28.08
CA GLN A 176 -20.89 13.88 -29.08
C GLN A 176 -22.14 14.52 -28.49
N ALA A 177 -22.36 14.32 -27.20
CA ALA A 177 -23.45 14.94 -26.48
C ALA A 177 -23.05 16.30 -25.90
N GLY A 178 -21.91 16.83 -26.33
CA GLY A 178 -21.44 18.13 -25.86
C GLY A 178 -20.76 18.18 -24.51
N ILE A 179 -20.30 17.04 -23.97
CA ILE A 179 -19.48 17.06 -22.75
C ILE A 179 -18.03 17.05 -23.23
N ALA A 180 -17.25 18.05 -22.81
CA ALA A 180 -15.85 18.18 -23.26
C ALA A 180 -14.97 17.12 -22.60
N LYS A 181 -14.02 16.58 -23.36
CA LYS A 181 -13.03 15.63 -22.82
C LYS A 181 -12.48 16.09 -21.46
N GLU A 182 -12.30 17.40 -21.28
CA GLU A 182 -11.76 17.99 -20.02
C GLU A 182 -12.63 17.76 -18.76
N LYS A 183 -13.87 17.32 -18.95
CA LYS A 183 -14.83 17.04 -17.87
C LYS A 183 -14.78 15.60 -17.38
N LEU A 184 -14.16 14.70 -18.15
CA LEU A 184 -14.31 13.27 -17.88
C LEU A 184 -13.28 12.76 -16.90
N LEU A 185 -13.68 11.79 -16.10
CA LEU A 185 -12.77 10.95 -15.34
C LEU A 185 -13.05 9.51 -15.74
N LEU A 186 -12.02 8.67 -15.71
CA LEU A 186 -12.14 7.25 -16.01
C LEU A 186 -11.89 6.39 -14.79
N ASP A 187 -12.56 5.24 -14.74
CA ASP A 187 -12.53 4.32 -13.59
C ASP A 187 -12.82 2.92 -14.10
N PRO A 188 -11.84 2.00 -13.98
CA PRO A 188 -12.10 0.66 -14.50
C PRO A 188 -13.11 -0.16 -13.69
N GLY A 189 -13.62 0.38 -12.58
CA GLY A 189 -14.75 -0.20 -11.87
C GLY A 189 -14.41 -1.54 -11.26
N PHE A 190 -13.59 -1.52 -10.21
CA PHE A 190 -13.20 -2.78 -9.58
C PHE A 190 -14.45 -3.39 -8.95
N GLY A 191 -14.62 -4.69 -9.22
CA GLY A 191 -15.72 -5.47 -8.71
C GLY A 191 -17.03 -5.42 -9.48
N PHE A 192 -17.06 -4.63 -10.55
CA PHE A 192 -18.25 -4.44 -11.35
C PHE A 192 -18.22 -5.34 -12.58
N GLY A 193 -18.61 -6.60 -12.37
CA GLY A 193 -18.57 -7.58 -13.42
C GLY A 193 -17.17 -8.13 -13.63
N LYS A 194 -16.52 -8.52 -12.54
CA LYS A 194 -15.15 -8.98 -12.56
C LYS A 194 -14.92 -10.00 -11.44
N ASN A 195 -14.21 -11.06 -11.78
CA ASN A 195 -13.65 -11.95 -10.78
C ASN A 195 -12.32 -11.41 -10.25
N LEU A 196 -11.77 -12.16 -9.30
CA LEU A 196 -10.53 -11.83 -8.64
C LEU A 196 -9.37 -11.59 -9.61
N SER A 197 -9.16 -12.52 -10.56
CA SER A 197 -8.11 -12.37 -11.59
C SER A 197 -8.31 -11.11 -12.42
N HIS A 198 -9.53 -10.89 -12.90
CA HIS A 198 -9.83 -9.69 -13.68
C HIS A 198 -9.45 -8.42 -12.90
N ASN A 199 -9.80 -8.40 -11.61
CA ASN A 199 -9.60 -7.19 -10.85
C ASN A 199 -8.11 -6.90 -10.70
N TYR A 200 -7.31 -7.95 -10.47
CA TYR A 200 -5.86 -7.75 -10.26
C TYR A 200 -5.14 -7.45 -11.57
N SER A 201 -5.62 -8.03 -12.67
CA SER A 201 -5.10 -7.67 -13.99
C SER A 201 -5.24 -6.18 -14.25
N LEU A 202 -6.42 -5.62 -13.95
CA LEU A 202 -6.65 -4.19 -14.12
C LEU A 202 -5.80 -3.34 -13.18
N LEU A 203 -5.64 -3.77 -11.92
CA LEU A 203 -4.84 -3.01 -10.96
C LEU A 203 -3.33 -2.98 -11.34
N ALA A 204 -2.82 -4.11 -11.83
CA ALA A 204 -1.42 -4.22 -12.25
C ALA A 204 -1.07 -3.39 -13.50
N ARG A 205 -2.08 -3.11 -14.32
CA ARG A 205 -1.92 -2.42 -15.60
C ARG A 205 -2.54 -1.03 -15.59
N LEU A 206 -2.90 -0.54 -14.41
CA LEU A 206 -3.69 0.69 -14.26
C LEU A 206 -2.97 1.89 -14.85
N ALA A 207 -1.65 1.97 -14.68
CA ALA A 207 -0.86 3.10 -15.23
C ALA A 207 -1.04 3.28 -16.75
N GLU A 208 -1.26 2.19 -17.48
CA GLU A 208 -1.52 2.23 -18.91
C GLU A 208 -2.82 2.97 -19.31
N PHE A 209 -3.75 3.19 -18.39
CA PHE A 209 -4.93 4.04 -18.67
C PHE A 209 -4.63 5.54 -18.69
N HIS A 210 -3.40 5.94 -18.36
CA HIS A 210 -2.98 7.32 -18.48
C HIS A 210 -2.94 7.84 -19.93
N HIS A 211 -2.79 6.97 -20.92
CA HIS A 211 -2.72 7.43 -22.34
C HIS A 211 -3.90 8.35 -22.77
N PHE A 212 -5.07 8.17 -22.17
CA PHE A 212 -6.22 9.08 -22.38
C PHE A 212 -5.99 10.49 -21.85
N ASN A 213 -4.99 10.66 -20.99
CA ASN A 213 -4.68 11.96 -20.44
C ASN A 213 -5.82 12.53 -19.62
N LEU A 214 -6.51 11.65 -18.91
CA LEU A 214 -7.65 12.01 -18.11
C LEU A 214 -7.41 11.50 -16.68
N PRO A 215 -7.98 12.17 -15.66
CA PRO A 215 -7.80 11.67 -14.31
C PRO A 215 -8.41 10.28 -14.17
N LEU A 216 -7.67 9.38 -13.53
CA LEU A 216 -8.13 8.07 -13.12
C LEU A 216 -8.68 8.12 -11.70
N LEU A 217 -9.87 7.55 -11.55
CA LEU A 217 -10.53 7.39 -10.26
C LEU A 217 -10.60 5.90 -10.01
N VAL A 218 -10.40 5.47 -8.76
CA VAL A 218 -10.46 4.05 -8.44
C VAL A 218 -11.15 3.85 -7.11
N GLY A 219 -11.76 2.67 -6.98
CA GLY A 219 -12.55 2.32 -5.81
C GLY A 219 -12.42 0.86 -5.52
N MET A 220 -11.50 0.53 -4.60
CA MET A 220 -11.29 -0.84 -4.13
C MET A 220 -11.56 -1.06 -2.62
N SER A 221 -11.95 -0.01 -1.89
CA SER A 221 -12.07 -0.04 -0.43
C SER A 221 -13.01 -1.12 0.11
N ARG A 222 -12.43 -2.07 0.84
CA ARG A 222 -13.14 -3.18 1.48
C ARG A 222 -13.87 -4.14 0.51
N LYS A 223 -13.49 -4.14 -0.76
CA LYS A 223 -14.20 -4.96 -1.76
C LYS A 223 -13.75 -6.40 -1.75
N SER A 224 -14.51 -7.24 -2.44
CA SER A 224 -14.22 -8.66 -2.58
C SER A 224 -12.86 -9.01 -3.15
N MET A 225 -12.26 -8.16 -3.96
CA MET A 225 -10.89 -8.41 -4.42
C MET A 225 -9.89 -8.45 -3.26
N ILE A 226 -10.26 -7.88 -2.11
CA ILE A 226 -9.55 -8.09 -0.88
C ILE A 226 -10.16 -9.24 -0.07
N GLY A 227 -11.47 -9.19 0.16
CA GLY A 227 -12.20 -10.27 0.87
C GLY A 227 -11.96 -11.69 0.39
N GLN A 228 -11.98 -11.89 -0.93
CA GLN A 228 -11.76 -13.24 -1.53
C GLN A 228 -10.30 -13.70 -1.50
N LEU A 229 -9.37 -12.75 -1.54
CA LEU A 229 -7.95 -13.07 -1.50
C LEU A 229 -7.55 -13.46 -0.07
N LEU A 230 -7.98 -12.67 0.92
CA LEU A 230 -7.69 -12.95 2.32
C LEU A 230 -8.69 -13.86 3.03
N ASN A 231 -9.88 -14.09 2.44
CA ASN A 231 -10.93 -14.93 3.07
C ASN A 231 -11.43 -14.40 4.40
N VAL A 232 -11.71 -13.11 4.42
CA VAL A 232 -12.19 -12.40 5.59
C VAL A 232 -13.37 -11.52 5.20
N GLY A 233 -14.15 -11.16 6.20
CA GLY A 233 -15.31 -10.34 6.03
C GLY A 233 -14.94 -8.89 5.91
N PRO A 234 -15.95 -8.03 5.70
CA PRO A 234 -15.74 -6.63 5.33
C PRO A 234 -15.04 -5.75 6.34
N SER A 235 -15.14 -6.06 7.62
CA SER A 235 -14.48 -5.20 8.63
C SER A 235 -12.99 -5.54 8.81
N GLU A 236 -12.51 -6.60 8.17
CA GLU A 236 -11.12 -7.05 8.30
C GLU A 236 -10.26 -6.71 7.08
N ARG A 237 -10.65 -5.71 6.31
CA ARG A 237 -10.07 -5.48 4.99
C ARG A 237 -9.23 -4.21 4.88
N LEU A 238 -8.98 -3.55 5.99
CA LEU A 238 -8.32 -2.25 5.95
C LEU A 238 -6.90 -2.33 5.40
N SER A 239 -6.12 -3.31 5.82
CA SER A 239 -4.72 -3.39 5.37
C SER A 239 -4.67 -3.63 3.85
N GLY A 240 -5.45 -4.62 3.40
CA GLY A 240 -5.61 -4.91 1.99
C GLY A 240 -6.10 -3.71 1.23
N SER A 241 -7.05 -2.97 1.82
CA SER A 241 -7.58 -1.71 1.19
C SER A 241 -6.50 -0.61 1.04
N LEU A 242 -5.66 -0.45 2.08
CA LEU A 242 -4.57 0.52 2.01
C LEU A 242 -3.52 0.08 0.99
N ALA A 243 -3.28 -1.22 0.91
CA ALA A 243 -2.38 -1.76 -0.10
C ALA A 243 -2.86 -1.47 -1.53
N CYS A 244 -4.15 -1.72 -1.78
CA CYS A 244 -4.77 -1.40 -3.06
C CYS A 244 -4.66 0.08 -3.39
N ALA A 245 -4.95 0.93 -2.41
CA ALA A 245 -4.84 2.40 -2.57
C ALA A 245 -3.43 2.87 -2.94
N VAL A 246 -2.43 2.32 -2.26
CA VAL A 246 -1.06 2.67 -2.49
C VAL A 246 -0.62 2.18 -3.86
N ILE A 247 -0.94 0.93 -4.18
CA ILE A 247 -0.61 0.38 -5.50
C ILE A 247 -1.17 1.23 -6.62
N ALA A 248 -2.41 1.66 -6.46
CA ALA A 248 -3.05 2.51 -7.46
C ALA A 248 -2.42 3.91 -7.50
N ALA A 249 -2.18 4.52 -6.34
CA ALA A 249 -1.64 5.90 -6.34
C ALA A 249 -0.19 5.99 -6.85
N MET A 250 0.62 4.97 -6.56
CA MET A 250 1.97 4.84 -7.14
C MET A 250 1.98 4.83 -8.67
N GLN A 251 0.89 4.31 -9.25
CA GLN A 251 0.68 4.35 -10.69
C GLN A 251 -0.03 5.61 -11.19
N GLY A 252 -0.11 6.65 -10.35
CA GLY A 252 -0.67 7.95 -10.75
C GLY A 252 -2.18 8.10 -10.70
N ALA A 253 -2.88 7.23 -9.97
CA ALA A 253 -4.33 7.41 -9.81
C ALA A 253 -4.52 8.71 -9.08
N HIS A 254 -5.54 9.47 -9.50
CA HIS A 254 -5.78 10.81 -9.01
C HIS A 254 -6.74 10.89 -7.83
N ILE A 255 -7.76 10.03 -7.82
CA ILE A 255 -8.77 10.01 -6.76
C ILE A 255 -8.95 8.58 -6.26
N ILE A 256 -8.94 8.41 -4.93
CA ILE A 256 -9.10 7.11 -4.28
C ILE A 256 -10.38 7.19 -3.48
N ARG A 257 -11.34 6.33 -3.80
CA ARG A 257 -12.65 6.27 -3.13
C ARG A 257 -12.58 5.25 -2.00
N VAL A 258 -12.74 5.72 -0.77
CA VAL A 258 -12.55 4.85 0.39
C VAL A 258 -13.55 5.08 1.52
N HIS A 259 -13.70 4.05 2.34
CA HIS A 259 -14.43 4.12 3.59
C HIS A 259 -13.58 4.76 4.68
N ASP A 260 -12.34 4.31 4.78
CA ASP A 260 -11.43 4.64 5.87
C ASP A 260 -10.48 5.77 5.49
N VAL A 261 -10.94 6.99 5.73
CA VAL A 261 -10.28 8.18 5.22
C VAL A 261 -8.94 8.48 5.90
N LYS A 262 -8.92 8.53 7.23
CA LYS A 262 -7.72 8.93 7.97
C LYS A 262 -6.54 8.05 7.57
N GLU A 263 -6.78 6.75 7.55
CA GLU A 263 -5.74 5.80 7.23
C GLU A 263 -5.30 5.91 5.77
N THR A 264 -6.26 6.16 4.87
CA THR A 264 -5.95 6.28 3.45
C THR A 264 -5.17 7.57 3.17
N VAL A 265 -5.54 8.65 3.85
CA VAL A 265 -4.80 9.92 3.72
C VAL A 265 -3.37 9.77 4.24
N GLU A 266 -3.19 9.10 5.37
CA GLU A 266 -1.83 8.85 5.85
C GLU A 266 -1.00 8.11 4.79
N ALA A 267 -1.57 7.04 4.22
CA ALA A 267 -0.88 6.27 3.20
C ALA A 267 -0.57 7.11 1.96
N MET A 268 -1.50 7.98 1.57
CA MET A 268 -1.27 8.83 0.39
C MET A 268 -0.15 9.88 0.58
N ARG A 269 0.01 10.39 1.81
CA ARG A 269 1.13 11.28 2.15
C ARG A 269 2.46 10.61 1.93
N VAL A 270 2.57 9.35 2.34
CA VAL A 270 3.78 8.54 2.11
C VAL A 270 3.99 8.37 0.59
N VAL A 271 2.92 8.10 -0.16
CA VAL A 271 3.03 8.06 -1.64
C VAL A 271 3.44 9.41 -2.29
N GLU A 272 2.90 10.51 -1.79
CA GLU A 272 3.23 11.84 -2.27
C GLU A 272 4.70 12.13 -2.00
N ALA A 273 5.19 11.80 -0.81
CA ALA A 273 6.59 12.04 -0.48
C ALA A 273 7.49 11.22 -1.40
N THR A 274 7.10 9.97 -1.66
CA THR A 274 7.83 9.09 -2.58
C THR A 274 7.85 9.59 -4.02
N LEU A 275 6.69 10.04 -4.53
CA LEU A 275 6.59 10.49 -5.93
C LEU A 275 7.24 11.86 -6.14
N SER A 276 7.21 12.72 -5.12
CA SER A 276 8.01 13.97 -5.11
C SER A 276 9.50 13.71 -5.37
N ALA A 277 10.05 12.71 -4.71
CA ALA A 277 11.46 12.38 -4.84
C ALA A 277 11.90 11.74 -6.16
N LYS A 278 10.98 11.32 -7.01
CA LYS A 278 11.33 10.56 -8.22
C LYS A 278 12.08 11.47 -9.24
N SER B 2 15.20 -17.95 -10.14
CA SER B 2 14.58 -17.48 -8.85
C SER B 2 15.65 -17.36 -7.75
N MET B 3 15.71 -16.17 -7.17
CA MET B 3 16.67 -15.84 -6.12
C MET B 3 16.40 -16.67 -4.85
N LYS B 4 17.46 -17.26 -4.28
CA LYS B 4 17.37 -18.20 -3.15
C LYS B 4 18.56 -18.10 -2.20
N LEU B 5 18.29 -18.17 -0.88
CA LEU B 5 19.31 -18.25 0.15
C LEU B 5 19.32 -19.63 0.81
N PHE B 6 20.49 -20.05 1.29
CA PHE B 6 20.68 -21.34 1.94
C PHE B 6 21.32 -21.14 3.28
N ALA B 7 20.80 -21.82 4.28
CA ALA B 7 21.35 -21.78 5.61
C ALA B 7 20.84 -22.87 6.54
N GLN B 8 21.72 -23.46 7.35
CA GLN B 8 21.29 -24.41 8.38
C GLN B 8 20.44 -25.56 7.78
N GLY B 9 20.83 -25.99 6.58
CA GLY B 9 20.17 -27.09 5.92
C GLY B 9 18.84 -26.83 5.26
N THR B 10 18.36 -25.57 5.27
CA THR B 10 17.13 -25.18 4.60
C THR B 10 17.42 -24.04 3.64
N SER B 11 16.40 -23.60 2.94
CA SER B 11 16.48 -22.51 1.97
C SER B 11 15.29 -21.58 2.07
N LEU B 12 15.50 -20.36 1.59
CA LEU B 12 14.47 -19.32 1.55
C LEU B 12 14.20 -18.98 0.07
N ASP B 13 12.96 -19.11 -0.38
CA ASP B 13 12.59 -18.82 -1.75
C ASP B 13 12.30 -17.33 -1.91
N LEU B 14 13.19 -16.59 -2.56
CA LEU B 14 12.98 -15.14 -2.73
C LEU B 14 12.23 -14.73 -4.02
N SER B 15 11.48 -15.67 -4.60
CA SER B 15 10.62 -15.37 -5.75
C SER B 15 9.40 -14.56 -5.40
N HIS B 16 9.09 -14.46 -4.11
CA HIS B 16 8.01 -13.59 -3.61
C HIS B 16 8.55 -12.85 -2.36
N PRO B 17 7.90 -11.74 -1.93
CA PRO B 17 8.39 -11.03 -0.76
C PRO B 17 8.10 -11.79 0.54
N HIS B 18 9.02 -11.69 1.49
CA HIS B 18 8.91 -12.34 2.80
C HIS B 18 8.80 -11.28 3.88
N VAL B 19 7.94 -11.49 4.86
CA VAL B 19 7.86 -10.57 5.99
C VAL B 19 8.68 -11.05 7.19
N MET B 20 9.63 -10.20 7.61
CA MET B 20 10.51 -10.48 8.75
C MET B 20 9.94 -9.77 9.97
N GLY B 21 9.50 -10.51 10.98
CA GLY B 21 8.99 -9.95 12.20
C GLY B 21 10.08 -9.61 13.22
N ILE B 22 9.94 -8.47 13.88
CA ILE B 22 10.91 -8.00 14.85
C ILE B 22 10.58 -8.62 16.22
N LEU B 23 11.58 -9.22 16.84
CA LEU B 23 11.47 -9.78 18.19
C LEU B 23 12.50 -9.04 19.01
N ASN B 24 12.01 -8.17 19.88
CA ASN B 24 12.85 -7.42 20.78
C ASN B 24 13.03 -8.18 22.10
N VAL B 25 14.28 -8.32 22.52
CA VAL B 25 14.65 -9.07 23.73
C VAL B 25 14.81 -8.14 24.98
N THR B 26 15.49 -7.00 24.82
CA THR B 26 16.09 -6.21 25.95
C THR B 26 15.20 -5.93 27.17
N ASN B 37 10.42 -16.56 32.83
CA ASN B 37 11.52 -16.14 31.96
C ASN B 37 11.07 -15.17 30.87
N SER B 38 11.97 -14.28 30.46
CA SER B 38 11.78 -13.51 29.23
C SER B 38 11.84 -14.44 28.00
N LEU B 39 12.59 -15.54 28.13
CA LEU B 39 12.70 -16.60 27.12
C LEU B 39 11.36 -17.21 26.73
N ILE B 40 10.52 -17.53 27.71
CA ILE B 40 9.18 -18.06 27.46
C ILE B 40 8.37 -17.08 26.60
N ASP B 41 8.43 -15.81 26.99
CA ASP B 41 7.69 -14.74 26.32
C ASP B 41 8.23 -14.41 24.93
N ALA B 42 9.53 -14.57 24.73
CA ALA B 42 10.12 -14.43 23.41
C ALA B 42 9.55 -15.48 22.45
N VAL B 43 9.43 -16.72 22.95
CA VAL B 43 8.88 -17.83 22.17
C VAL B 43 7.39 -17.62 21.87
N LYS B 44 6.66 -17.07 22.83
CA LYS B 44 5.25 -16.74 22.60
C LYS B 44 5.09 -15.68 21.52
N HIS B 45 5.93 -14.65 21.51
CA HIS B 45 5.85 -13.56 20.52
C HIS B 45 6.28 -14.06 19.15
N ALA B 46 7.31 -14.92 19.09
CA ALA B 46 7.72 -15.59 17.85
C ALA B 46 6.59 -16.43 17.27
N ASN B 47 5.97 -17.27 18.10
CA ASN B 47 4.80 -18.04 17.71
C ASN B 47 3.69 -17.16 17.10
N LEU B 48 3.41 -15.99 17.71
CA LEU B 48 2.32 -15.10 17.24
C LEU B 48 2.63 -14.47 15.90
N MET B 49 3.90 -14.15 15.68
CA MET B 49 4.33 -13.58 14.43
C MET B 49 4.29 -14.63 13.33
N ILE B 50 4.61 -15.88 13.67
CA ILE B 50 4.61 -16.97 12.68
C ILE B 50 3.19 -17.28 12.29
N ASN B 51 2.28 -17.34 13.26
CA ASN B 51 0.84 -17.54 12.99
C ASN B 51 0.24 -16.37 12.19
N ALA B 52 0.85 -15.18 12.30
CA ALA B 52 0.45 -14.02 11.51
C ALA B 52 1.09 -13.99 10.09
N GLY B 53 2.05 -14.88 9.83
CA GLY B 53 2.59 -15.11 8.50
C GLY B 53 4.03 -14.71 8.27
N ALA B 54 4.71 -14.26 9.33
CA ALA B 54 6.16 -13.99 9.22
C ALA B 54 6.89 -15.29 8.88
N THR B 55 7.87 -15.18 8.02
CA THR B 55 8.72 -16.31 7.63
C THR B 55 10.18 -16.16 8.07
N ILE B 56 10.55 -14.98 8.58
CA ILE B 56 11.80 -14.75 9.24
C ILE B 56 11.48 -13.98 10.53
N ILE B 57 12.23 -14.30 11.60
CA ILE B 57 12.14 -13.67 12.89
C ILE B 57 13.50 -13.01 13.14
N ASP B 58 13.50 -11.69 13.29
CA ASP B 58 14.72 -10.92 13.54
C ASP B 58 14.92 -10.68 15.05
N VAL B 59 15.91 -11.36 15.60
CA VAL B 59 16.22 -11.32 17.04
C VAL B 59 17.28 -10.26 17.26
N GLY B 60 16.98 -9.29 18.12
CA GLY B 60 17.92 -8.19 18.42
C GLY B 60 17.94 -7.86 19.89
N GLY B 61 19.17 -7.77 20.45
CA GLY B 61 19.46 -7.75 21.93
C GLY B 61 20.44 -6.73 22.55
N GLU B 62 20.91 -5.80 21.71
CA GLU B 62 21.33 -4.46 22.12
C GLU B 62 20.16 -3.63 21.58
N SER B 63 19.72 -2.57 22.25
CA SER B 63 18.51 -1.88 21.75
C SER B 63 18.66 -1.45 20.29
N THR B 64 19.91 -1.23 19.82
CA THR B 64 20.23 -1.06 18.37
C THR B 64 19.60 0.21 17.74
N ARG B 65 18.87 1.00 18.53
CA ARG B 65 18.20 2.20 18.06
C ARG B 65 19.26 3.32 18.16
N PRO B 66 18.86 4.57 18.01
CA PRO B 66 19.84 5.67 18.09
C PRO B 66 20.19 5.99 19.55
N GLY B 67 21.48 6.09 19.86
CA GLY B 67 21.89 6.41 21.21
C GLY B 67 21.41 5.44 22.29
N ALA B 68 20.97 4.25 21.91
CA ALA B 68 20.57 3.25 22.91
C ALA B 68 21.79 2.68 23.59
N ALA B 69 21.57 2.10 24.75
CA ALA B 69 22.64 1.65 25.62
C ALA B 69 23.41 0.50 24.99
N GLU B 70 24.68 0.71 24.69
CA GLU B 70 25.51 -0.42 24.24
C GLU B 70 25.69 -1.47 25.35
N VAL B 71 26.02 -2.70 24.97
CA VAL B 71 26.11 -3.82 25.92
C VAL B 71 27.40 -4.63 25.72
N SER B 72 27.75 -5.42 26.74
CA SER B 72 28.96 -6.24 26.70
C SER B 72 28.73 -7.42 25.79
N VAL B 73 29.81 -8.08 25.43
CA VAL B 73 29.74 -9.32 24.69
C VAL B 73 28.97 -10.33 25.52
N GLU B 74 29.29 -10.48 26.80
CA GLU B 74 28.60 -11.49 27.62
C GLU B 74 27.11 -11.22 27.78
N GLU B 75 26.69 -9.97 27.77
CA GLU B 75 25.26 -9.67 27.88
C GLU B 75 24.55 -10.06 26.59
N GLU B 76 25.12 -9.66 25.47
CA GLU B 76 24.51 -9.93 24.19
C GLU B 76 24.36 -11.45 24.02
N LEU B 77 25.41 -12.20 24.36
CA LEU B 77 25.37 -13.67 24.36
C LEU B 77 24.26 -14.24 25.26
N GLN B 78 24.16 -13.76 26.50
CA GLN B 78 23.11 -14.22 27.43
C GLN B 78 21.70 -13.91 26.98
N ARG B 79 21.52 -12.76 26.31
CA ARG B 79 20.21 -12.33 25.89
C ARG B 79 19.72 -12.99 24.61
N VAL B 80 20.61 -13.09 23.62
CA VAL B 80 20.26 -13.45 22.26
C VAL B 80 20.36 -14.96 22.04
N ILE B 81 21.42 -15.57 22.55
CA ILE B 81 21.77 -16.93 22.14
C ILE B 81 20.71 -17.93 22.57
N PRO B 82 20.20 -17.85 23.80
CA PRO B 82 19.13 -18.76 24.18
C PRO B 82 17.82 -18.52 23.41
N VAL B 83 17.62 -17.32 22.90
CA VAL B 83 16.42 -17.01 22.13
C VAL B 83 16.55 -17.59 20.74
N VAL B 84 17.72 -17.44 20.13
CA VAL B 84 17.98 -18.11 18.86
C VAL B 84 17.87 -19.64 19.05
N GLU B 85 18.48 -20.17 20.09
CA GLU B 85 18.43 -21.59 20.34
C GLU B 85 16.98 -22.07 20.50
N ALA B 86 16.21 -21.39 21.33
CA ALA B 86 14.83 -21.75 21.58
C ALA B 86 13.94 -21.72 20.31
N ILE B 87 14.15 -20.74 19.46
CA ILE B 87 13.38 -20.63 18.22
C ILE B 87 13.76 -21.74 17.23
N ALA B 88 15.06 -22.02 17.12
CA ALA B 88 15.55 -23.05 16.21
C ALA B 88 15.04 -24.45 16.54
N GLN B 89 14.85 -24.71 17.83
CA GLN B 89 14.40 -26.01 18.31
C GLN B 89 12.93 -26.22 18.09
N ARG B 90 12.15 -25.16 18.23
CA ARG B 90 10.69 -25.23 18.25
C ARG B 90 10.01 -24.85 16.93
N PHE B 91 10.70 -24.13 16.02
CA PHE B 91 10.07 -23.59 14.80
C PHE B 91 10.92 -23.87 13.56
N GLU B 92 10.29 -23.77 12.39
CA GLU B 92 10.98 -23.98 11.11
C GLU B 92 11.23 -22.66 10.41
N VAL B 93 10.73 -21.58 11.00
CA VAL B 93 10.96 -20.22 10.52
C VAL B 93 12.45 -19.88 10.53
N TRP B 94 12.83 -18.99 9.64
CA TRP B 94 14.20 -18.52 9.58
C TRP B 94 14.40 -17.45 10.65
N ILE B 95 15.66 -17.25 11.02
CA ILE B 95 16.08 -16.47 12.17
C ILE B 95 17.22 -15.55 11.74
N SER B 96 17.01 -14.25 11.79
CA SER B 96 18.12 -13.31 11.63
C SER B 96 18.51 -12.80 13.01
N VAL B 97 19.76 -12.41 13.15
CA VAL B 97 20.28 -11.97 14.42
C VAL B 97 20.87 -10.56 14.22
N ASP B 98 20.40 -9.59 15.02
CA ASP B 98 20.96 -8.21 15.02
C ASP B 98 22.20 -8.13 15.91
N THR B 99 23.36 -8.27 15.30
CA THR B 99 24.59 -8.22 16.03
C THR B 99 25.69 -7.65 15.17
N SER B 100 26.63 -6.98 15.84
CA SER B 100 27.87 -6.48 15.26
C SER B 100 29.10 -7.20 15.82
N LYS B 101 28.91 -8.00 16.86
CA LYS B 101 30.01 -8.69 17.54
C LYS B 101 30.42 -10.03 16.97
N PRO B 102 31.71 -10.23 16.73
CA PRO B 102 32.16 -11.51 16.15
C PRO B 102 31.80 -12.75 16.92
N GLU B 103 31.79 -12.64 18.25
CA GLU B 103 31.47 -13.79 19.12
C GLU B 103 30.02 -14.15 19.03
N VAL B 104 29.17 -13.14 18.87
CA VAL B 104 27.74 -13.36 18.80
C VAL B 104 27.44 -13.96 17.44
N ILE B 105 28.16 -13.54 16.40
CA ILE B 105 27.98 -14.09 15.06
C ILE B 105 28.29 -15.59 15.09
N ARG B 106 29.44 -15.95 15.65
CA ARG B 106 29.86 -17.32 15.73
C ARG B 106 28.95 -18.20 16.56
N GLU B 107 28.56 -17.69 17.71
CA GLU B 107 27.74 -18.43 18.64
C GLU B 107 26.29 -18.54 18.17
N SER B 108 25.82 -17.52 17.46
CA SER B 108 24.49 -17.55 16.83
C SER B 108 24.38 -18.65 15.76
N ALA B 109 25.44 -18.83 14.96
CA ALA B 109 25.42 -19.84 13.88
C ALA B 109 25.38 -21.23 14.47
N LYS B 110 26.16 -21.42 15.53
CA LYS B 110 26.19 -22.68 16.23
C LYS B 110 24.82 -23.11 16.76
N VAL B 111 23.94 -22.18 17.15
CA VAL B 111 22.61 -22.57 17.64
C VAL B 111 21.45 -22.43 16.66
N GLY B 112 21.71 -22.08 15.40
CA GLY B 112 20.67 -22.17 14.35
C GLY B 112 20.24 -20.91 13.60
N ALA B 113 20.92 -19.79 13.82
CA ALA B 113 20.60 -18.56 13.12
C ALA B 113 20.88 -18.69 11.64
N HIS B 114 19.98 -18.16 10.83
CA HIS B 114 20.09 -18.26 9.38
C HIS B 114 20.72 -17.04 8.73
N ILE B 115 20.49 -15.85 9.29
CA ILE B 115 21.01 -14.59 8.70
C ILE B 115 21.71 -13.71 9.75
N ILE B 116 22.92 -13.23 9.41
CA ILE B 116 23.62 -12.22 10.20
C ILE B 116 23.16 -10.86 9.71
N ASN B 117 22.39 -10.19 10.55
CA ASN B 117 21.88 -8.89 10.21
C ASN B 117 22.64 -7.86 11.02
N ASP B 118 23.66 -7.27 10.41
CA ASP B 118 24.53 -6.35 11.13
C ASP B 118 24.35 -4.97 10.52
N ILE B 119 23.77 -4.08 11.31
CA ILE B 119 23.55 -2.71 10.85
C ILE B 119 24.86 -1.98 10.55
N ARG B 120 25.95 -2.42 11.20
CA ARG B 120 27.30 -1.94 10.92
C ARG B 120 28.08 -2.67 9.81
N SER B 121 27.42 -3.58 9.07
CA SER B 121 28.02 -4.28 7.92
C SER B 121 29.42 -4.85 8.21
N LEU B 122 29.54 -5.50 9.37
CA LEU B 122 30.73 -6.27 9.75
C LEU B 122 31.99 -5.41 9.85
N SER B 123 31.85 -4.20 10.38
CA SER B 123 32.95 -3.25 10.50
C SER B 123 33.62 -3.31 11.87
N GLU B 124 33.02 -3.98 12.86
CA GLU B 124 33.69 -4.20 14.13
C GLU B 124 34.87 -5.19 13.95
N PRO B 125 36.03 -4.94 14.62
CA PRO B 125 37.18 -5.84 14.48
C PRO B 125 36.77 -7.29 14.66
N GLY B 126 37.09 -8.11 13.66
CA GLY B 126 36.85 -9.54 13.70
C GLY B 126 35.50 -10.00 13.17
N ALA B 127 34.57 -9.07 12.98
CA ALA B 127 33.20 -9.42 12.58
C ALA B 127 33.15 -10.02 11.18
N LEU B 128 33.95 -9.47 10.26
CA LEU B 128 34.00 -9.93 8.87
C LEU B 128 34.45 -11.38 8.78
N GLU B 129 35.52 -11.70 9.51
CA GLU B 129 36.10 -13.05 9.53
C GLU B 129 35.14 -14.04 10.16
N ALA B 130 34.49 -13.62 11.22
CA ALA B 130 33.54 -14.49 11.92
C ALA B 130 32.33 -14.83 11.04
N ALA B 131 31.79 -13.82 10.36
CA ALA B 131 30.70 -14.03 9.43
C ALA B 131 31.10 -14.98 8.32
N ALA B 132 32.32 -14.82 7.80
CA ALA B 132 32.82 -15.67 6.71
C ALA B 132 32.95 -17.11 7.15
N GLU B 133 33.48 -17.32 8.36
CA GLU B 133 33.61 -18.66 8.97
C GLU B 133 32.29 -19.40 9.14
N THR B 134 31.18 -18.68 9.40
CA THR B 134 29.86 -19.32 9.57
C THR B 134 29.29 -19.81 8.26
N GLY B 135 29.63 -19.14 7.15
CA GLY B 135 28.99 -19.41 5.87
C GLY B 135 27.53 -18.96 5.74
N LEU B 136 27.02 -18.16 6.67
CA LEU B 136 25.61 -17.76 6.61
C LEU B 136 25.44 -16.57 5.69
N PRO B 137 24.21 -16.38 5.20
CA PRO B 137 23.87 -15.10 4.58
C PRO B 137 24.14 -13.91 5.50
N VAL B 138 24.54 -12.81 4.89
CA VAL B 138 24.86 -11.60 5.63
C VAL B 138 24.18 -10.44 4.97
N CYS B 139 23.43 -9.67 5.76
CA CYS B 139 22.84 -8.43 5.30
C CYS B 139 23.81 -7.26 5.53
N LEU B 140 24.10 -6.52 4.45
CA LEU B 140 24.87 -5.28 4.45
C LEU B 140 23.93 -4.07 4.42
N MET B 141 23.88 -3.30 5.50
CA MET B 141 23.03 -2.11 5.56
C MET B 141 23.87 -0.85 5.54
N HIS B 142 23.40 0.19 4.84
CA HIS B 142 24.05 1.51 4.83
C HIS B 142 23.62 2.34 6.04
N MET B 143 24.61 2.79 6.81
CA MET B 143 24.44 3.73 7.92
C MET B 143 25.45 4.87 7.72
N GLN B 144 24.97 6.11 7.71
CA GLN B 144 25.80 7.35 7.64
C GLN B 144 27.31 7.20 7.39
N ASP B 157 25.12 16.36 -3.05
CA ASP B 157 24.73 15.00 -2.66
C ASP B 157 23.83 14.32 -3.71
N ASP B 158 24.02 13.01 -3.82
CA ASP B 158 23.10 12.10 -4.52
C ASP B 158 23.06 10.88 -3.61
N VAL B 159 22.06 10.82 -2.74
CA VAL B 159 22.01 9.79 -1.70
C VAL B 159 21.97 8.38 -2.29
N PHE B 160 21.26 8.20 -3.39
CA PHE B 160 21.28 6.92 -4.08
C PHE B 160 22.71 6.54 -4.50
N ALA B 161 23.43 7.45 -5.14
CA ALA B 161 24.78 7.15 -5.65
C ALA B 161 25.76 6.90 -4.50
N GLU B 162 25.61 7.63 -3.39
CA GLU B 162 26.43 7.36 -2.19
C GLU B 162 26.19 5.96 -1.62
N VAL B 163 24.90 5.58 -1.50
CA VAL B 163 24.55 4.25 -1.00
C VAL B 163 24.98 3.18 -1.99
N ASN B 164 24.75 3.44 -3.28
CA ASN B 164 25.21 2.54 -4.33
C ASN B 164 26.75 2.36 -4.29
N ARG B 165 27.48 3.45 -3.98
CA ARG B 165 28.94 3.39 -3.86
C ARG B 165 29.38 2.50 -2.69
N TYR B 166 28.72 2.68 -1.54
CA TYR B 166 28.93 1.85 -0.38
C TYR B 166 28.70 0.36 -0.67
N PHE B 167 27.63 0.02 -1.36
CA PHE B 167 27.34 -1.37 -1.70
C PHE B 167 28.41 -1.99 -2.58
N ILE B 168 28.94 -1.24 -3.55
CA ILE B 168 30.06 -1.77 -4.37
C ILE B 168 31.26 -2.11 -3.50
N GLU B 169 31.53 -1.23 -2.54
CA GLU B 169 32.67 -1.35 -1.62
C GLU B 169 32.52 -2.55 -0.69
N GLN B 170 31.35 -2.67 -0.06
CA GLN B 170 31.14 -3.69 0.95
C GLN B 170 31.01 -5.06 0.33
N ILE B 171 30.40 -5.14 -0.84
CA ILE B 171 30.37 -6.40 -1.59
C ILE B 171 31.82 -6.81 -1.84
N ALA B 172 32.66 -5.86 -2.29
CA ALA B 172 34.08 -6.14 -2.58
C ALA B 172 34.81 -6.62 -1.32
N ARG B 173 34.70 -5.84 -0.25
CA ARG B 173 35.27 -6.18 1.07
C ARG B 173 34.86 -7.57 1.54
N CYS B 174 33.59 -7.92 1.33
CA CYS B 174 33.08 -9.25 1.68
C CYS B 174 33.64 -10.36 0.76
N GLU B 175 33.65 -10.13 -0.56
CA GLU B 175 34.23 -11.11 -1.51
C GLU B 175 35.71 -11.40 -1.23
N GLN B 176 36.51 -10.36 -0.95
CA GLN B 176 37.92 -10.52 -0.54
C GLN B 176 38.10 -11.39 0.69
N ALA B 177 37.15 -11.34 1.63
CA ALA B 177 37.22 -12.14 2.86
C ALA B 177 36.62 -13.55 2.70
N GLY B 178 36.35 -13.97 1.48
CA GLY B 178 35.83 -15.32 1.22
C GLY B 178 34.33 -15.48 1.42
N ILE B 179 33.60 -14.37 1.49
CA ILE B 179 32.15 -14.43 1.50
C ILE B 179 31.71 -14.30 0.05
N ALA B 180 31.09 -15.36 -0.46
CA ALA B 180 30.52 -15.36 -1.80
C ALA B 180 29.37 -14.36 -1.92
N LYS B 181 29.22 -13.83 -3.13
CA LYS B 181 28.18 -12.86 -3.46
C LYS B 181 26.78 -13.41 -3.17
N GLU B 182 26.57 -14.70 -3.42
CA GLU B 182 25.27 -15.38 -3.25
C GLU B 182 24.79 -15.39 -1.79
N LYS B 183 25.65 -15.05 -0.85
CA LYS B 183 25.31 -14.96 0.56
C LYS B 183 24.95 -13.55 1.03
N LEU B 184 24.96 -12.57 0.11
CA LEU B 184 24.81 -11.20 0.52
C LEU B 184 23.40 -10.68 0.27
N LEU B 185 22.95 -9.82 1.19
CA LEU B 185 21.74 -9.04 1.04
C LEU B 185 22.10 -7.57 1.23
N LEU B 186 21.40 -6.70 0.49
CA LEU B 186 21.60 -5.26 0.55
C LEU B 186 20.39 -4.57 1.19
N ASP B 187 20.66 -3.66 2.11
CA ASP B 187 19.64 -2.86 2.76
C ASP B 187 20.08 -1.39 2.72
N PRO B 188 19.32 -0.51 2.02
CA PRO B 188 19.70 0.91 1.96
C PRO B 188 19.73 1.66 3.31
N GLY B 189 19.11 1.08 4.34
CA GLY B 189 19.20 1.56 5.71
C GLY B 189 18.33 2.77 6.04
N PHE B 190 17.01 2.63 5.90
CA PHE B 190 16.11 3.75 6.16
C PHE B 190 16.24 4.17 7.61
N GLY B 191 16.14 5.47 7.88
CA GLY B 191 16.35 6.02 9.23
C GLY B 191 17.84 6.22 9.48
N PHE B 192 18.24 6.06 10.74
CA PHE B 192 19.66 6.13 11.15
C PHE B 192 20.27 7.49 10.83
N GLY B 193 19.57 8.54 11.29
CA GLY B 193 19.98 9.92 11.03
C GLY B 193 19.80 10.46 9.62
N LYS B 194 19.51 9.63 8.61
CA LYS B 194 19.09 10.16 7.29
C LYS B 194 17.82 11.00 7.45
N ASN B 195 17.78 12.11 6.72
CA ASN B 195 16.68 13.06 6.83
C ASN B 195 15.49 12.60 5.97
N LEU B 196 14.41 13.35 6.05
CA LEU B 196 13.15 13.00 5.42
C LEU B 196 13.34 12.86 3.92
N SER B 197 13.93 13.87 3.30
CA SER B 197 14.20 13.87 1.88
C SER B 197 15.05 12.71 1.39
N HIS B 198 16.05 12.33 2.18
CA HIS B 198 17.01 11.29 1.77
C HIS B 198 16.36 9.94 1.80
N ASN B 199 15.53 9.71 2.82
CA ASN B 199 14.79 8.48 2.93
C ASN B 199 13.88 8.28 1.74
N TYR B 200 12.99 9.23 1.47
CA TYR B 200 12.07 9.07 0.35
C TYR B 200 12.76 9.01 -1.02
N SER B 201 13.93 9.63 -1.17
CA SER B 201 14.68 9.46 -2.43
C SER B 201 15.13 8.02 -2.58
N LEU B 202 15.54 7.41 -1.48
CA LEU B 202 15.98 6.03 -1.52
C LEU B 202 14.78 5.11 -1.75
N LEU B 203 13.66 5.37 -1.07
CA LEU B 203 12.46 4.58 -1.30
C LEU B 203 11.98 4.69 -2.78
N ALA B 204 12.00 5.91 -3.34
CA ALA B 204 11.59 6.12 -4.74
C ALA B 204 12.46 5.36 -5.74
N ARG B 205 13.75 5.22 -5.46
CA ARG B 205 14.66 4.59 -6.41
C ARG B 205 15.11 3.18 -6.00
N LEU B 206 14.42 2.58 -5.01
CA LEU B 206 14.82 1.26 -4.47
C LEU B 206 15.08 0.25 -5.59
N ALA B 207 14.17 0.24 -6.58
CA ALA B 207 14.29 -0.67 -7.74
C ALA B 207 15.66 -0.63 -8.46
N GLU B 208 16.30 0.53 -8.52
CA GLU B 208 17.59 0.63 -9.19
C GLU B 208 18.67 -0.28 -8.57
N PHE B 209 18.57 -0.54 -7.27
CA PHE B 209 19.47 -1.46 -6.57
C PHE B 209 19.37 -2.94 -6.97
N HIS B 210 18.43 -3.30 -7.85
CA HIS B 210 18.40 -4.63 -8.49
C HIS B 210 19.55 -4.89 -9.48
N HIS B 211 20.25 -3.85 -9.94
CA HIS B 211 21.41 -4.04 -10.83
C HIS B 211 22.50 -4.92 -10.19
N PHE B 212 22.59 -4.94 -8.86
CA PHE B 212 23.51 -5.88 -8.20
C PHE B 212 23.10 -7.38 -8.30
N ASN B 213 21.82 -7.64 -8.61
CA ASN B 213 21.27 -9.01 -8.62
C ASN B 213 21.38 -9.72 -7.26
N LEU B 214 21.17 -8.97 -6.19
CA LEU B 214 21.14 -9.52 -4.83
C LEU B 214 19.79 -9.27 -4.17
N PRO B 215 19.47 -10.05 -3.14
CA PRO B 215 18.28 -9.75 -2.32
C PRO B 215 18.33 -8.34 -1.71
N LEU B 216 17.16 -7.73 -1.58
CA LEU B 216 17.00 -6.41 -0.99
C LEU B 216 16.12 -6.59 0.22
N LEU B 217 16.64 -6.14 1.36
CA LEU B 217 15.94 -6.12 2.60
C LEU B 217 15.71 -4.65 2.91
N VAL B 218 14.56 -4.33 3.48
CA VAL B 218 14.27 -2.96 3.90
C VAL B 218 13.57 -3.00 5.24
N GLY B 219 13.81 -1.95 6.02
CA GLY B 219 13.19 -1.77 7.33
C GLY B 219 12.76 -0.32 7.49
N MET B 220 11.47 -0.05 7.28
CA MET B 220 10.87 1.26 7.52
C MET B 220 9.83 1.28 8.65
N SER B 221 9.42 0.10 9.14
CA SER B 221 8.33 0.04 10.09
C SER B 221 8.44 1.04 11.27
N ARG B 222 7.41 1.86 11.46
CA ARG B 222 7.32 2.81 12.58
C ARG B 222 8.45 3.82 12.69
N LYS B 223 9.18 4.08 11.62
CA LYS B 223 10.33 5.00 11.69
C LYS B 223 9.99 6.49 11.53
N SER B 224 11.01 7.33 11.76
CA SER B 224 10.94 8.80 11.63
C SER B 224 10.47 9.25 10.29
N MET B 225 10.90 8.59 9.23
CA MET B 225 10.44 8.96 7.90
C MET B 225 8.90 8.88 7.72
N ILE B 226 8.20 8.18 8.63
CA ILE B 226 6.75 8.19 8.68
C ILE B 226 6.26 9.18 9.74
N GLY B 227 6.78 9.08 10.96
CA GLY B 227 6.34 9.94 12.08
C GLY B 227 6.46 11.42 11.80
N GLN B 228 7.58 11.86 11.25
CA GLN B 228 7.79 13.28 10.96
C GLN B 228 6.84 13.75 9.85
N LEU B 229 6.72 12.97 8.79
CA LEU B 229 5.84 13.31 7.69
C LEU B 229 4.38 13.44 8.07
N LEU B 230 3.92 12.52 8.90
CA LEU B 230 2.55 12.48 9.38
C LEU B 230 2.35 13.19 10.71
N ASN B 231 3.42 13.52 11.39
CA ASN B 231 3.33 14.17 12.69
C ASN B 231 2.43 13.39 13.66
N VAL B 232 2.79 12.12 13.86
CA VAL B 232 2.12 11.20 14.80
C VAL B 232 3.17 10.43 15.64
N GLY B 233 2.75 9.96 16.82
CA GLY B 233 3.62 9.18 17.68
C GLY B 233 3.95 7.78 17.15
N PRO B 234 4.91 7.09 17.81
CA PRO B 234 5.38 5.79 17.33
C PRO B 234 4.31 4.73 17.21
N SER B 235 3.28 4.81 18.07
CA SER B 235 2.20 3.83 18.02
C SER B 235 1.09 4.17 16.99
N GLU B 236 1.23 5.27 16.24
CA GLU B 236 0.21 5.63 15.25
C GLU B 236 0.71 5.63 13.78
N ARG B 237 1.70 4.77 13.49
CA ARG B 237 2.39 4.76 12.20
C ARG B 237 2.13 3.53 11.32
N LEU B 238 1.10 2.74 11.69
CA LEU B 238 0.79 1.50 10.96
C LEU B 238 0.45 1.78 9.51
N SER B 239 -0.45 2.71 9.28
CA SER B 239 -0.88 3.02 7.92
C SER B 239 0.29 3.44 7.09
N GLY B 240 1.12 4.32 7.64
CA GLY B 240 2.33 4.78 6.95
C GLY B 240 3.34 3.69 6.68
N SER B 241 3.47 2.77 7.63
CA SER B 241 4.41 1.64 7.48
C SER B 241 3.92 0.65 6.42
N LEU B 242 2.61 0.40 6.37
CA LEU B 242 2.02 -0.46 5.33
C LEU B 242 2.29 0.16 3.97
N ALA B 243 2.10 1.49 3.88
CA ALA B 243 2.40 2.23 2.66
C ALA B 243 3.87 2.04 2.25
N CYS B 244 4.79 2.28 3.15
CA CYS B 244 6.21 2.05 2.89
C CYS B 244 6.51 0.61 2.42
N ALA B 245 5.92 -0.36 3.09
CA ALA B 245 6.12 -1.77 2.78
C ALA B 245 5.67 -2.10 1.35
N VAL B 246 4.49 -1.59 0.99
CA VAL B 246 3.87 -1.84 -0.30
C VAL B 246 4.69 -1.19 -1.42
N ILE B 247 5.05 0.07 -1.22
CA ILE B 247 5.92 0.80 -2.16
C ILE B 247 7.24 0.02 -2.35
N ALA B 248 7.83 -0.51 -1.28
CA ALA B 248 9.06 -1.27 -1.40
C ALA B 248 8.82 -2.62 -2.10
N ALA B 249 7.71 -3.29 -1.77
CA ALA B 249 7.42 -4.60 -2.36
C ALA B 249 7.05 -4.48 -3.85
N MET B 250 6.34 -3.42 -4.23
CA MET B 250 6.01 -3.18 -5.65
C MET B 250 7.27 -3.03 -6.51
N GLN B 251 8.37 -2.56 -5.89
CA GLN B 251 9.67 -2.50 -6.55
C GLN B 251 10.56 -3.75 -6.38
N GLY B 252 9.98 -4.84 -5.87
CA GLY B 252 10.66 -6.09 -5.83
C GLY B 252 11.57 -6.27 -4.64
N ALA B 253 11.37 -5.50 -3.57
CA ALA B 253 12.05 -5.83 -2.32
C ALA B 253 11.70 -7.27 -1.87
N HIS B 254 12.70 -8.00 -1.39
CA HIS B 254 12.59 -9.41 -1.08
C HIS B 254 12.17 -9.71 0.37
N ILE B 255 12.66 -8.90 1.29
CA ILE B 255 12.36 -9.05 2.71
C ILE B 255 11.98 -7.67 3.27
N ILE B 256 10.84 -7.64 3.97
CA ILE B 256 10.33 -6.46 4.65
C ILE B 256 10.34 -6.71 6.17
N ARG B 257 11.07 -5.88 6.89
CA ARG B 257 11.30 -6.04 8.31
C ARG B 257 10.31 -5.14 9.01
N VAL B 258 9.47 -5.71 9.88
CA VAL B 258 8.35 -4.96 10.47
C VAL B 258 7.98 -5.36 11.91
N HIS B 259 7.32 -4.46 12.62
CA HIS B 259 6.68 -4.77 13.90
C HIS B 259 5.32 -5.44 13.73
N ASP B 260 4.51 -4.88 12.81
CA ASP B 260 3.13 -5.34 12.63
C ASP B 260 3.02 -6.39 11.52
N VAL B 261 3.16 -7.65 11.92
CA VAL B 261 3.29 -8.74 10.94
C VAL B 261 1.98 -9.01 10.18
N LYS B 262 0.90 -9.24 10.90
CA LYS B 262 -0.39 -9.63 10.31
C LYS B 262 -0.79 -8.72 9.17
N GLU B 263 -0.73 -7.42 9.44
CA GLU B 263 -1.22 -6.42 8.52
C GLU B 263 -0.29 -6.30 7.32
N THR B 264 1.02 -6.39 7.58
CA THR B 264 2.02 -6.34 6.52
C THR B 264 1.89 -7.55 5.61
N VAL B 265 1.75 -8.75 6.19
CA VAL B 265 1.52 -9.97 5.42
C VAL B 265 0.28 -9.82 4.51
N GLU B 266 -0.81 -9.27 5.06
CA GLU B 266 -2.03 -9.06 4.26
C GLU B 266 -1.79 -8.11 3.08
N ALA B 267 -1.05 -7.04 3.35
CA ALA B 267 -0.65 -6.11 2.31
C ALA B 267 0.24 -6.77 1.24
N MET B 268 1.10 -7.69 1.66
CA MET B 268 2.00 -8.38 0.74
C MET B 268 1.25 -9.35 -0.16
N ARG B 269 0.20 -9.97 0.39
CA ARG B 269 -0.65 -10.84 -0.41
C ARG B 269 -1.34 -10.04 -1.53
N VAL B 270 -1.77 -8.82 -1.23
CA VAL B 270 -2.31 -7.94 -2.26
C VAL B 270 -1.24 -7.59 -3.30
N VAL B 271 -0.04 -7.26 -2.84
CA VAL B 271 1.09 -7.00 -3.74
C VAL B 271 1.40 -8.22 -4.60
N GLU B 272 1.35 -9.41 -4.00
CA GLU B 272 1.61 -10.69 -4.70
C GLU B 272 0.59 -10.99 -5.79
N ALA B 273 -0.70 -10.73 -5.51
CA ALA B 273 -1.76 -10.92 -6.50
C ALA B 273 -1.56 -9.98 -7.69
N THR B 274 -1.14 -8.75 -7.38
CA THR B 274 -0.87 -7.70 -8.35
C THR B 274 0.35 -8.04 -9.20
N LEU B 275 1.45 -8.44 -8.57
CA LEU B 275 2.65 -8.81 -9.33
C LEU B 275 2.44 -10.05 -10.20
N SER B 276 1.67 -11.03 -9.71
CA SER B 276 1.34 -12.23 -10.50
C SER B 276 0.55 -11.90 -11.75
N ALA B 277 -0.32 -10.90 -11.66
CA ALA B 277 -1.11 -10.45 -12.79
C ALA B 277 -0.28 -9.64 -13.81
N LYS B 278 0.88 -9.14 -13.38
CA LYS B 278 1.79 -8.41 -14.25
C LYS B 278 2.70 -9.34 -15.10
N GLU B 279 2.29 -10.60 -15.29
CA GLU B 279 2.87 -11.53 -16.29
C GLU B 279 4.31 -11.91 -15.94
#